data_3KNW
#
_entry.id   3KNW
#
_cell.length_a   62.741
_cell.length_b   73.768
_cell.length_c   106.921
_cell.angle_alpha   90.00
_cell.angle_beta   90.00
_cell.angle_gamma   90.00
#
_symmetry.space_group_name_H-M   'P 21 21 21'
#
loop_
_entity.id
_entity.type
_entity.pdbx_description
1 polymer 'Putative transcriptional regulator (TetR/AcrR family)'
2 non-polymer 1,2-ETHANEDIOL
3 water water
#
_entity_poly.entity_id   1
_entity_poly.type   'polypeptide(L)'
_entity_poly.pdbx_seq_one_letter_code
;SNA(MSE)TTHQVKKSEAKRQHILDSGFHLVLRKGFVGVGLQEILKTSGVPKGSFYHYFESKEAFGCELLKHYISDYQIR
LNQLWTTETSARDKL(MSE)NYLQCWVKDPATEQSWAESCLIVK(MSE)AAEVADLSED(MSE)RLI(MSE)NDGVKRLI
AR(MSE)ADLIRIGQQEGSIQTSVVPDVLAQVIYQ(MSE)YLGAALLSKLYKHKAPLFQALESTK(MSE)(MSE)LDGCN
HVQQDKNQ
;
_entity_poly.pdbx_strand_id   A,B
#
# COMPACT_ATOMS: atom_id res chain seq x y z
N SER A 12 -24.90 -25.74 -4.74
CA SER A 12 -24.61 -25.43 -6.17
C SER A 12 -24.16 -23.97 -6.22
N GLU A 13 -25.08 -23.01 -6.07
CA GLU A 13 -24.67 -21.63 -5.94
C GLU A 13 -23.89 -21.42 -4.62
N ALA A 14 -24.31 -22.11 -3.58
CA ALA A 14 -23.64 -22.03 -2.31
C ALA A 14 -22.28 -22.71 -2.39
N LYS A 15 -22.17 -23.76 -3.20
CA LYS A 15 -20.87 -24.39 -3.46
C LYS A 15 -19.95 -23.41 -4.20
N ARG A 16 -20.43 -22.87 -5.31
CA ARG A 16 -19.70 -21.86 -6.02
C ARG A 16 -19.17 -20.81 -5.02
N GLN A 17 -20.04 -20.36 -4.09
CA GLN A 17 -19.67 -19.32 -3.10
C GLN A 17 -18.63 -19.81 -2.15
N HIS A 18 -18.78 -21.07 -1.74
CA HIS A 18 -17.77 -21.67 -0.87
C HIS A 18 -16.40 -21.62 -1.52
N ILE A 19 -16.34 -22.02 -2.78
CA ILE A 19 -15.08 -22.04 -3.51
C ILE A 19 -14.46 -20.64 -3.58
N LEU A 20 -15.24 -19.65 -3.95
CA LEU A 20 -14.75 -18.28 -4.00
C LEU A 20 -14.25 -17.85 -2.64
N ASP A 21 -15.02 -18.13 -1.59
CA ASP A 21 -14.61 -17.76 -0.23
C ASP A 21 -13.35 -18.49 0.24
N SER A 22 -13.25 -19.79 -0.03
CA SER A 22 -11.95 -20.49 0.10
C SER A 22 -10.84 -19.74 -0.63
N GLY A 23 -11.03 -19.48 -1.92
CA GLY A 23 -10.01 -18.79 -2.70
C GLY A 23 -9.62 -17.44 -2.10
N PHE A 24 -10.63 -16.71 -1.65
CA PHE A 24 -10.46 -15.36 -1.17
C PHE A 24 -9.54 -15.32 0.05
N HIS A 25 -9.78 -16.20 1.01
CA HIS A 25 -8.89 -16.33 2.16
C HIS A 25 -7.49 -16.65 1.67
N LEU A 26 -7.38 -17.59 0.75
CA LEU A 26 -6.07 -17.96 0.29
C LEU A 26 -5.35 -16.71 -0.18
N VAL A 27 -6.03 -15.91 -0.98
CA VAL A 27 -5.40 -14.75 -1.62
C VAL A 27 -5.02 -13.63 -0.64
N LEU A 28 -5.75 -13.44 0.44
CA LEU A 28 -5.31 -12.48 1.47
C LEU A 28 -3.95 -12.85 2.07
N ARG A 29 -3.72 -14.15 2.24
CA ARG A 29 -2.48 -14.68 2.79
C ARG A 29 -1.36 -14.67 1.78
N LYS A 30 -1.62 -15.13 0.57
CA LYS A 30 -0.54 -15.49 -0.36
C LYS A 30 -0.56 -14.84 -1.74
N GLY A 31 -1.55 -14.02 -2.02
CA GLY A 31 -1.64 -13.44 -3.34
C GLY A 31 -2.25 -14.39 -4.36
N PHE A 32 -2.18 -13.98 -5.62
CA PHE A 32 -2.87 -14.69 -6.65
C PHE A 32 -1.93 -15.43 -7.55
N VAL A 33 -0.98 -14.71 -8.14
CA VAL A 33 -0.04 -15.33 -9.08
C VAL A 33 0.80 -16.41 -8.41
N GLY A 34 1.08 -16.23 -7.11
CA GLY A 34 1.85 -17.21 -6.36
C GLY A 34 1.22 -18.60 -6.23
N VAL A 35 -0.11 -18.69 -6.34
CA VAL A 35 -0.79 -19.96 -6.03
C VAL A 35 -1.20 -20.79 -7.25
N GLY A 36 -1.21 -22.11 -7.08
CA GLY A 36 -1.70 -23.03 -8.10
C GLY A 36 -3.09 -23.48 -7.75
N LEU A 37 -3.78 -24.12 -8.68
CA LEU A 37 -5.08 -24.71 -8.34
C LEU A 37 -5.02 -25.70 -7.16
N GLN A 38 -3.95 -26.46 -7.07
CA GLN A 38 -3.76 -27.46 -6.03
C GLN A 38 -3.99 -26.91 -4.64
N GLU A 39 -3.42 -25.75 -4.35
CA GLU A 39 -3.61 -25.16 -3.04
C GLU A 39 -5.08 -24.76 -2.96
N ILE A 40 -5.51 -24.03 -3.97
CA ILE A 40 -6.90 -23.67 -4.10
C ILE A 40 -7.86 -24.90 -3.90
N LEU A 41 -7.61 -26.05 -4.56
CA LEU A 41 -8.42 -27.31 -4.35
C LEU A 41 -8.27 -27.86 -2.94
N LYS A 42 -7.04 -28.00 -2.48
CA LYS A 42 -6.77 -28.39 -1.10
C LYS A 42 -7.52 -27.48 -0.08
N THR A 43 -7.51 -26.17 -0.29
CA THR A 43 -8.14 -25.27 0.70
C THR A 43 -9.63 -25.52 0.72
N SER A 44 -10.24 -25.59 -0.46
CA SER A 44 -11.69 -25.62 -0.56
C SER A 44 -12.26 -26.96 -0.15
N GLY A 45 -11.50 -28.04 -0.36
CA GLY A 45 -11.98 -29.40 -0.18
C GLY A 45 -12.64 -29.99 -1.42
N VAL A 46 -12.65 -29.23 -2.51
CA VAL A 46 -13.32 -29.68 -3.70
C VAL A 46 -12.37 -30.43 -4.63
N PRO A 47 -12.82 -31.54 -5.26
CA PRO A 47 -11.97 -32.21 -6.27
C PRO A 47 -11.80 -31.28 -7.47
N LYS A 48 -10.78 -31.52 -8.31
CA LYS A 48 -10.53 -30.64 -9.47
C LYS A 48 -11.67 -30.68 -10.48
N GLY A 49 -12.20 -31.88 -10.72
CA GLY A 49 -13.24 -32.05 -11.72
C GLY A 49 -14.42 -31.16 -11.43
N SER A 50 -14.76 -31.09 -10.15
CA SER A 50 -15.82 -30.23 -9.64
C SER A 50 -15.58 -28.74 -9.88
N PHE A 51 -14.44 -28.26 -9.40
CA PHE A 51 -14.01 -26.87 -9.55
C PHE A 51 -14.11 -26.45 -11.01
N TYR A 52 -13.75 -27.35 -11.90
CA TYR A 52 -13.79 -27.01 -13.28
C TYR A 52 -15.21 -26.98 -13.84
N HIS A 53 -16.20 -27.57 -13.17
CA HIS A 53 -17.59 -27.30 -13.59
C HIS A 53 -18.02 -25.86 -13.37
N TYR A 54 -17.48 -25.24 -12.32
CA TYR A 54 -17.79 -23.87 -11.93
C TYR A 54 -16.94 -22.82 -12.63
N PHE A 55 -15.65 -23.07 -12.76
CA PHE A 55 -14.75 -22.11 -13.37
C PHE A 55 -13.87 -22.75 -14.39
N GLU A 56 -13.75 -22.15 -15.55
CA GLU A 56 -12.95 -22.81 -16.60
C GLU A 56 -11.42 -22.72 -16.43
N SER A 57 -10.92 -21.81 -15.61
CA SER A 57 -9.45 -21.66 -15.43
C SER A 57 -9.14 -20.89 -14.20
N LYS A 58 -7.90 -20.97 -13.73
CA LYS A 58 -7.47 -20.17 -12.61
C LYS A 58 -7.81 -18.69 -12.85
N GLU A 59 -7.70 -18.26 -14.10
CA GLU A 59 -7.95 -16.88 -14.47
C GLU A 59 -9.43 -16.52 -14.42
N ALA A 60 -10.33 -17.34 -14.99
CA ALA A 60 -11.78 -17.10 -14.84
C ALA A 60 -12.18 -16.92 -13.37
N PHE A 61 -11.59 -17.75 -12.53
CA PHE A 61 -11.90 -17.83 -11.15
C PHE A 61 -11.43 -16.57 -10.42
N GLY A 62 -10.21 -16.14 -10.75
CA GLY A 62 -9.67 -14.87 -10.26
C GLY A 62 -10.60 -13.71 -10.63
N CYS A 63 -11.03 -13.64 -11.89
CA CYS A 63 -11.97 -12.62 -12.26
C CYS A 63 -13.25 -12.74 -11.42
N GLU A 64 -13.74 -13.96 -11.16
CA GLU A 64 -15.01 -14.03 -10.45
C GLU A 64 -14.84 -13.69 -8.98
N LEU A 65 -13.69 -14.06 -8.45
CA LEU A 65 -13.31 -13.73 -7.09
C LEU A 65 -13.32 -12.23 -6.86
N LEU A 66 -12.75 -11.45 -7.78
CA LEU A 66 -12.69 -10.02 -7.55
C LEU A 66 -14.06 -9.41 -7.72
N LYS A 67 -14.82 -9.93 -8.67
CA LYS A 67 -16.15 -9.41 -8.94
C LYS A 67 -17.02 -9.63 -7.71
N HIS A 68 -16.92 -10.84 -7.15
CA HIS A 68 -17.72 -11.24 -6.00
C HIS A 68 -17.34 -10.44 -4.79
N TYR A 69 -16.05 -10.16 -4.67
CA TYR A 69 -15.57 -9.26 -3.62
C TYR A 69 -16.18 -7.85 -3.74
N ILE A 70 -16.13 -7.27 -4.93
CA ILE A 70 -16.62 -5.93 -5.16
C ILE A 70 -18.12 -5.90 -4.92
N SER A 71 -18.83 -6.94 -5.38
CA SER A 71 -20.31 -7.00 -5.31
C SER A 71 -20.85 -7.01 -3.89
N ASP A 72 -20.20 -7.82 -3.05
CA ASP A 72 -20.46 -7.85 -1.64
C ASP A 72 -20.05 -6.53 -0.96
N TYR A 73 -18.89 -5.97 -1.33
CA TYR A 73 -18.45 -4.69 -0.75
C TYR A 73 -19.53 -3.63 -0.90
N GLN A 74 -20.09 -3.49 -2.11
CA GLN A 74 -21.09 -2.46 -2.31
C GLN A 74 -22.43 -2.73 -1.58
N ILE A 75 -22.85 -3.98 -1.51
CA ILE A 75 -23.97 -4.35 -0.68
C ILE A 75 -23.67 -3.96 0.78
N ARG A 76 -22.45 -4.20 1.26
CA ARG A 76 -22.07 -3.83 2.63
C ARG A 76 -22.06 -2.32 2.80
N LEU A 77 -21.65 -1.57 1.79
CA LEU A 77 -21.78 -0.10 1.80
C LEU A 77 -23.23 0.43 1.77
N ASN A 78 -24.10 -0.26 1.05
CA ASN A 78 -25.50 0.12 0.99
C ASN A 78 -26.12 0.09 2.38
N GLN A 79 -25.79 -0.95 3.16
CA GLN A 79 -26.29 -1.09 4.53
C GLN A 79 -25.77 0.01 5.45
N LEU A 80 -24.46 0.05 5.65
CA LEU A 80 -23.81 1.08 6.46
C LEU A 80 -24.38 2.49 6.20
N TRP A 81 -24.71 2.79 4.94
CA TRP A 81 -25.03 4.17 4.52
C TRP A 81 -26.51 4.50 4.23
N THR A 82 -27.41 3.54 4.38
CA THR A 82 -28.83 3.87 4.31
C THR A 82 -29.45 3.73 5.72
N THR A 83 -28.95 4.58 6.61
CA THR A 83 -29.58 4.90 7.86
C THR A 83 -29.93 6.39 7.75
N GLU A 84 -30.55 6.95 8.79
CA GLU A 84 -30.98 8.33 8.72
C GLU A 84 -30.08 9.13 9.63
N THR A 85 -28.78 9.06 9.35
CA THR A 85 -27.76 9.88 10.00
C THR A 85 -27.12 10.82 8.99
N SER A 86 -26.20 11.64 9.49
CA SER A 86 -25.34 12.51 8.71
C SER A 86 -24.57 11.83 7.58
N ALA A 87 -24.19 12.62 6.57
CA ALA A 87 -23.19 12.20 5.61
C ALA A 87 -21.89 12.00 6.38
N ARG A 88 -21.57 12.94 7.26
CA ARG A 88 -20.35 12.90 8.01
C ARG A 88 -20.20 11.63 8.86
N ASP A 89 -21.24 11.33 9.61
CA ASP A 89 -21.22 10.16 10.46
C ASP A 89 -21.24 8.94 9.59
N LYS A 90 -21.88 8.99 8.44
CA LYS A 90 -21.86 7.78 7.60
C LYS A 90 -20.42 7.46 7.16
N LEU A 91 -19.66 8.53 6.92
CA LEU A 91 -18.31 8.46 6.39
C LEU A 91 -17.34 8.07 7.51
N ASN A 93 -18.27 6.33 10.08
CA ASN A 93 -18.62 4.93 10.27
C ASN A 93 -17.82 3.95 9.42
N TYR A 94 -17.97 4.09 8.10
CA TYR A 94 -17.19 3.34 7.12
C TYR A 94 -15.71 3.27 7.45
N LEU A 95 -15.11 4.42 7.67
CA LEU A 95 -13.72 4.48 7.96
C LEU A 95 -13.37 3.74 9.25
N GLN A 96 -14.27 3.88 10.23
CA GLN A 96 -14.03 3.29 11.53
C GLN A 96 -14.04 1.77 11.39
N CYS A 97 -14.87 1.28 10.47
CA CYS A 97 -14.91 -0.10 10.04
C CYS A 97 -13.61 -0.52 9.32
N TRP A 98 -13.08 0.30 8.44
CA TRP A 98 -11.75 0.09 7.89
C TRP A 98 -10.82 -0.32 9.02
N VAL A 99 -10.77 0.51 10.06
CA VAL A 99 -9.89 0.35 11.19
C VAL A 99 -10.13 -0.91 12.04
N LYS A 100 -11.34 -1.48 12.09
CA LYS A 100 -11.65 -2.68 12.93
C LYS A 100 -11.10 -4.06 12.42
N ASP A 101 -11.00 -4.27 11.10
CA ASP A 101 -10.42 -5.54 10.51
C ASP A 101 -11.25 -6.84 10.71
N GLU A 110 -9.06 -6.63 3.41
CA GLU A 110 -9.71 -5.69 2.51
C GLU A 110 -8.67 -4.75 1.89
N SER A 111 -8.01 -3.98 2.76
CA SER A 111 -6.88 -3.15 2.36
C SER A 111 -5.68 -4.00 1.99
N CYS A 112 -5.54 -5.16 2.65
CA CYS A 112 -4.52 -6.17 2.27
C CYS A 112 -4.67 -6.58 0.80
N LEU A 113 -5.91 -6.81 0.35
CA LEU A 113 -6.13 -7.20 -1.03
C LEU A 113 -5.57 -6.18 -1.98
N ILE A 114 -5.73 -4.88 -1.72
CA ILE A 114 -5.15 -3.89 -2.65
C ILE A 114 -3.64 -3.84 -2.54
N VAL A 115 -3.11 -4.11 -1.35
CA VAL A 115 -1.68 -4.08 -1.13
C VAL A 115 -1.04 -5.28 -1.80
N LYS A 116 -1.61 -6.44 -1.51
CA LYS A 116 -1.22 -7.69 -2.19
C LYS A 116 -1.28 -7.46 -3.70
N ALA A 118 -1.53 -4.90 -5.68
CA ALA A 118 -0.60 -3.83 -6.15
C ALA A 118 0.82 -4.40 -6.24
N ALA A 119 1.22 -5.09 -5.18
CA ALA A 119 2.50 -5.78 -5.11
C ALA A 119 2.81 -6.63 -6.34
N GLU A 120 1.85 -7.47 -6.73
CA GLU A 120 2.05 -8.38 -7.82
C GLU A 120 1.44 -7.88 -9.12
N VAL A 121 1.25 -6.58 -9.22
CA VAL A 121 0.55 -6.05 -10.39
C VAL A 121 1.23 -6.36 -11.72
N ALA A 122 2.54 -6.51 -11.73
CA ALA A 122 3.26 -6.82 -12.95
C ALA A 122 2.82 -8.15 -13.61
N ASP A 123 2.23 -9.07 -12.84
CA ASP A 123 1.89 -10.39 -13.39
C ASP A 123 0.40 -10.64 -13.51
N LEU A 124 -0.39 -9.71 -13.02
CA LEU A 124 -1.83 -9.76 -13.13
C LEU A 124 -2.30 -9.62 -14.57
N SER A 125 -3.27 -10.43 -14.96
CA SER A 125 -3.95 -10.23 -16.24
C SER A 125 -4.50 -8.81 -16.28
N GLU A 126 -4.50 -8.19 -17.46
CA GLU A 126 -5.24 -6.95 -17.69
C GLU A 126 -6.69 -7.01 -17.23
N ASP A 127 -7.34 -8.15 -17.46
CA ASP A 127 -8.77 -8.27 -17.14
C ASP A 127 -9.00 -8.04 -15.62
N ARG A 129 -6.85 -6.64 -13.48
CA ARG A 129 -6.41 -5.30 -13.12
C ARG A 129 -7.49 -4.25 -13.41
N LEU A 130 -8.07 -4.32 -14.58
CA LEU A 130 -9.23 -3.48 -14.95
C LEU A 130 -10.42 -3.60 -14.00
N ILE A 131 -10.83 -4.83 -13.67
CA ILE A 131 -11.91 -5.02 -12.71
C ILE A 131 -11.57 -4.37 -11.37
N ASN A 133 -9.21 -1.95 -10.66
CA ASN A 133 -9.17 -0.51 -10.91
C ASN A 133 -10.48 0.18 -10.91
N ASP A 134 -11.46 -0.43 -11.57
CA ASP A 134 -12.77 0.15 -11.64
C ASP A 134 -13.46 0.08 -10.28
N GLY A 135 -13.27 -1.00 -9.53
CA GLY A 135 -13.82 -1.09 -8.19
C GLY A 135 -13.36 0.07 -7.33
N VAL A 136 -12.06 0.33 -7.41
CA VAL A 136 -11.48 1.35 -6.56
C VAL A 136 -11.98 2.69 -7.03
N LYS A 137 -12.02 2.91 -8.33
CA LYS A 137 -12.58 4.18 -8.85
C LYS A 137 -14.04 4.42 -8.40
N ARG A 138 -14.83 3.37 -8.34
CA ARG A 138 -16.19 3.53 -7.88
C ARG A 138 -16.31 3.89 -6.38
N LEU A 139 -15.47 3.26 -5.55
CA LEU A 139 -15.44 3.54 -4.14
C LEU A 139 -15.05 4.97 -3.90
N ILE A 140 -14.05 5.47 -4.56
CA ILE A 140 -13.67 6.87 -4.32
C ILE A 140 -14.86 7.79 -4.68
N ALA A 141 -15.58 7.43 -5.72
CA ALA A 141 -16.67 8.23 -6.22
C ALA A 141 -17.91 8.18 -5.29
N ARG A 142 -18.23 7.01 -4.72
CA ARG A 142 -19.20 6.95 -3.62
C ARG A 142 -18.74 7.83 -2.44
N ALA A 144 -17.06 10.37 -2.65
CA ALA A 144 -17.19 11.71 -3.22
C ALA A 144 -18.63 12.16 -3.08
N ASP A 145 -19.57 11.32 -3.55
CA ASP A 145 -21.00 11.59 -3.51
C ASP A 145 -21.39 11.94 -2.05
N LEU A 146 -20.86 11.17 -1.10
CA LEU A 146 -21.17 11.31 0.31
C LEU A 146 -20.51 12.58 0.88
N ILE A 147 -19.30 12.92 0.48
CA ILE A 147 -18.74 14.18 0.98
C ILE A 147 -19.59 15.36 0.49
N ARG A 148 -20.18 15.23 -0.70
CA ARG A 148 -20.88 16.36 -1.29
C ARG A 148 -22.22 16.51 -0.57
N ILE A 149 -22.99 15.43 -0.44
CA ILE A 149 -24.16 15.40 0.41
C ILE A 149 -23.84 16.02 1.78
N GLY A 150 -22.72 15.72 2.38
CA GLY A 150 -22.42 16.29 3.70
C GLY A 150 -22.14 17.78 3.70
N GLN A 151 -21.60 18.27 2.61
CA GLN A 151 -21.32 19.67 2.51
C GLN A 151 -22.63 20.44 2.23
N GLN A 152 -23.54 19.84 1.47
CA GLN A 152 -24.86 20.44 1.20
C GLN A 152 -25.57 20.70 2.54
N GLU A 153 -25.60 19.69 3.44
CA GLU A 153 -26.31 19.80 4.73
C GLU A 153 -25.55 20.58 5.79
N GLY A 154 -24.28 20.83 5.61
CA GLY A 154 -23.53 21.52 6.67
C GLY A 154 -22.93 20.60 7.70
N SER A 155 -23.00 19.30 7.52
CA SER A 155 -22.29 18.40 8.46
C SER A 155 -20.78 18.34 8.17
N ILE A 156 -20.35 18.67 6.95
CA ILE A 156 -18.90 18.71 6.59
C ILE A 156 -18.53 20.13 6.23
N GLN A 157 -17.77 20.80 7.08
CA GLN A 157 -17.57 22.22 6.91
C GLN A 157 -16.44 22.56 5.97
N THR A 158 -15.66 21.55 5.58
CA THR A 158 -14.53 21.83 4.74
C THR A 158 -15.06 22.25 3.39
N SER A 159 -14.34 23.14 2.75
CA SER A 159 -14.68 23.64 1.44
C SER A 159 -13.96 22.89 0.31
N VAL A 160 -13.01 22.03 0.67
CA VAL A 160 -12.23 21.27 -0.27
C VAL A 160 -13.20 20.47 -1.09
N VAL A 161 -12.94 20.48 -2.36
CA VAL A 161 -13.88 19.91 -3.29
C VAL A 161 -13.99 18.39 -3.08
N PRO A 162 -15.18 17.82 -3.18
CA PRO A 162 -15.36 16.42 -2.88
C PRO A 162 -14.49 15.45 -3.59
N ASP A 163 -14.15 15.73 -4.83
CA ASP A 163 -13.43 14.77 -5.61
C ASP A 163 -11.95 14.73 -5.16
N VAL A 164 -11.45 15.85 -4.62
CA VAL A 164 -10.11 15.91 -4.03
C VAL A 164 -10.15 15.25 -2.66
N LEU A 165 -11.18 15.52 -1.88
CA LEU A 165 -11.08 15.09 -0.48
C LEU A 165 -11.22 13.56 -0.43
N ALA A 166 -12.06 12.98 -1.26
CA ALA A 166 -12.24 11.57 -1.23
C ALA A 166 -10.95 10.86 -1.57
N GLN A 167 -10.11 11.46 -2.42
CA GLN A 167 -8.82 10.86 -2.79
C GLN A 167 -7.81 10.98 -1.64
N VAL A 168 -7.75 12.17 -1.07
CA VAL A 168 -6.93 12.37 0.02
C VAL A 168 -7.24 11.37 1.12
N ILE A 169 -8.50 11.32 1.49
CA ILE A 169 -8.89 10.42 2.55
C ILE A 169 -8.57 8.96 2.17
N TYR A 170 -8.97 8.56 0.97
CA TYR A 170 -8.74 7.19 0.60
C TYR A 170 -7.22 6.85 0.47
N GLN A 171 -6.43 7.78 -0.01
CA GLN A 171 -5.01 7.55 -0.14
C GLN A 171 -4.38 7.41 1.22
N TYR A 173 -5.77 6.50 4.04
CA TYR A 173 -6.10 5.22 4.70
C TYR A 173 -5.36 4.05 4.14
N LEU A 174 -5.20 3.94 2.82
CA LEU A 174 -4.38 2.86 2.26
C LEU A 174 -2.95 2.91 2.76
N GLY A 175 -2.39 4.09 2.92
CA GLY A 175 -1.02 4.16 3.36
C GLY A 175 -0.85 3.85 4.85
N ALA A 176 -1.78 4.37 5.67
CA ALA A 176 -1.96 3.94 7.04
C ALA A 176 -2.19 2.37 7.14
N ALA A 177 -3.02 1.78 6.30
CA ALA A 177 -3.20 0.26 6.34
C ALA A 177 -1.87 -0.46 6.02
N LEU A 178 -1.13 0.05 5.04
CA LEU A 178 0.19 -0.47 4.69
C LEU A 178 1.21 -0.41 5.90
N LEU A 179 1.33 0.75 6.56
CA LEU A 179 2.23 0.90 7.71
C LEU A 179 1.80 0.04 8.86
N SER A 180 0.51 -0.03 9.10
CA SER A 180 -0.04 -0.95 10.12
C SER A 180 0.40 -2.43 9.93
N LYS A 181 0.43 -2.90 8.71
CA LYS A 181 1.00 -4.23 8.45
C LYS A 181 2.50 -4.31 8.75
N LEU A 182 3.21 -3.27 8.34
CA LEU A 182 4.64 -3.24 8.56
C LEU A 182 4.93 -3.22 10.06
N TYR A 183 4.20 -2.41 10.81
CA TYR A 183 4.38 -2.25 12.30
C TYR A 183 3.67 -3.38 13.05
N LYS A 184 2.73 -4.04 12.43
CA LYS A 184 1.95 -5.04 13.09
C LYS A 184 1.14 -4.47 14.23
N HIS A 185 0.76 -3.20 14.16
CA HIS A 185 -0.37 -2.73 14.98
C HIS A 185 -0.92 -1.49 14.29
N LYS A 186 -2.07 -1.01 14.71
CA LYS A 186 -2.84 -0.10 13.91
C LYS A 186 -2.70 1.32 14.33
N ALA A 187 -1.65 1.62 15.05
CA ALA A 187 -1.40 3.04 15.42
C ALA A 187 -1.59 3.96 14.20
N PRO A 188 -1.00 3.63 13.06
CA PRO A 188 -1.16 4.59 11.92
C PRO A 188 -2.58 4.84 11.47
N LEU A 189 -3.42 3.82 11.56
CA LEU A 189 -4.86 3.86 11.20
C LEU A 189 -5.63 4.62 12.24
N PHE A 190 -5.30 4.41 13.51
CA PHE A 190 -5.84 5.25 14.54
C PHE A 190 -5.55 6.72 14.33
N GLN A 191 -4.37 7.07 13.85
CA GLN A 191 -4.06 8.50 13.66
C GLN A 191 -4.87 9.03 12.45
N ALA A 192 -4.92 8.28 11.34
CA ALA A 192 -5.77 8.61 10.18
C ALA A 192 -7.20 8.98 10.61
N LEU A 193 -7.77 8.16 11.50
CA LEU A 193 -9.09 8.45 12.10
C LEU A 193 -9.14 9.83 12.73
N GLU A 194 -8.15 10.14 13.53
CA GLU A 194 -8.17 11.41 14.26
C GLU A 194 -7.96 12.54 13.28
N SER A 195 -7.12 12.32 12.28
CA SER A 195 -6.90 13.27 11.22
C SER A 195 -8.06 13.53 10.27
N THR A 196 -8.82 12.51 9.92
CA THR A 196 -10.00 12.67 9.10
C THR A 196 -11.01 13.69 9.72
N LYS A 197 -10.97 13.88 11.05
CA LYS A 197 -11.85 14.83 11.71
C LYS A 197 -11.42 16.27 11.48
N LEU A 200 -12.49 17.18 7.91
CA LEU A 200 -13.92 17.45 7.65
C LEU A 200 -14.38 18.82 8.19
N ASP A 201 -13.74 19.30 9.25
CA ASP A 201 -13.98 20.66 9.77
C ASP A 201 -13.07 21.65 8.99
N LYS B 15 33.46 -9.71 -7.04
CA LYS B 15 33.01 -8.65 -6.10
C LYS B 15 31.60 -8.85 -5.44
N ARG B 16 31.54 -8.33 -4.21
CA ARG B 16 30.47 -8.53 -3.27
C ARG B 16 29.34 -7.50 -3.48
N GLN B 17 29.73 -6.26 -3.82
CA GLN B 17 28.80 -5.24 -4.27
C GLN B 17 27.99 -5.71 -5.48
N HIS B 18 28.60 -6.45 -6.38
CA HIS B 18 27.90 -6.90 -7.60
C HIS B 18 26.89 -7.99 -7.26
N ILE B 19 27.03 -8.63 -6.10
CA ILE B 19 26.07 -9.62 -5.65
C ILE B 19 24.91 -8.89 -5.01
N LEU B 20 25.24 -7.92 -4.17
CA LEU B 20 24.25 -7.04 -3.57
C LEU B 20 23.49 -6.33 -4.65
N ASP B 21 24.17 -5.65 -5.54
CA ASP B 21 23.42 -4.90 -6.53
C ASP B 21 22.49 -5.81 -7.34
N SER B 22 23.01 -6.93 -7.82
CA SER B 22 22.20 -7.89 -8.62
C SER B 22 21.02 -8.39 -7.78
N GLY B 23 21.26 -8.55 -6.48
CA GLY B 23 20.22 -8.93 -5.54
C GLY B 23 19.21 -7.82 -5.35
N PHE B 24 19.67 -6.59 -5.23
CA PHE B 24 18.72 -5.51 -5.04
C PHE B 24 17.71 -5.39 -6.22
N HIS B 25 18.22 -5.49 -7.45
CA HIS B 25 17.39 -5.38 -8.66
C HIS B 25 16.39 -6.57 -8.78
N LEU B 26 16.69 -7.68 -8.14
CA LEU B 26 15.77 -8.81 -8.16
C LEU B 26 14.64 -8.69 -7.12
N VAL B 27 14.93 -8.13 -5.95
CA VAL B 27 13.90 -7.87 -4.95
C VAL B 27 12.99 -6.75 -5.36
N LEU B 28 13.50 -5.81 -6.15
CA LEU B 28 12.65 -4.81 -6.75
C LEU B 28 11.57 -5.47 -7.61
N ARG B 29 11.92 -6.56 -8.30
CA ARG B 29 11.01 -7.16 -9.26
C ARG B 29 10.22 -8.30 -8.63
N LYS B 30 10.86 -9.07 -7.75
CA LYS B 30 10.28 -10.32 -7.26
C LYS B 30 9.99 -10.37 -5.75
N GLY B 31 10.39 -9.33 -5.01
CA GLY B 31 10.29 -9.38 -3.55
C GLY B 31 11.42 -10.20 -2.94
N PHE B 32 11.44 -10.31 -1.61
CA PHE B 32 12.49 -11.05 -0.92
C PHE B 32 12.14 -12.51 -0.71
N VAL B 33 10.96 -12.77 -0.18
CA VAL B 33 10.61 -14.14 0.16
C VAL B 33 10.65 -15.04 -1.06
N GLY B 34 9.88 -14.67 -2.07
CA GLY B 34 9.65 -15.52 -3.23
C GLY B 34 10.90 -15.94 -3.97
N VAL B 35 11.98 -15.19 -3.82
CA VAL B 35 13.23 -15.51 -4.52
C VAL B 35 14.24 -16.35 -3.72
N GLY B 36 14.65 -17.50 -4.26
CA GLY B 36 15.65 -18.36 -3.61
C GLY B 36 17.09 -17.92 -3.84
N LEU B 37 18.00 -18.55 -3.09
CA LEU B 37 19.44 -18.30 -3.22
C LEU B 37 19.98 -18.71 -4.60
N GLN B 38 19.31 -19.64 -5.27
CA GLN B 38 19.75 -20.00 -6.62
C GLN B 38 19.70 -18.80 -7.56
N GLU B 39 18.55 -18.11 -7.59
CA GLU B 39 18.28 -17.08 -8.60
C GLU B 39 19.23 -15.90 -8.50
N ILE B 40 19.60 -15.56 -7.27
CA ILE B 40 20.54 -14.46 -7.00
C ILE B 40 21.94 -14.73 -7.58
N LEU B 41 22.34 -16.01 -7.61
CA LEU B 41 23.65 -16.43 -8.13
C LEU B 41 23.79 -16.29 -9.67
N LYS B 42 22.76 -16.70 -10.42
CA LYS B 42 22.80 -16.63 -11.89
C LYS B 42 22.76 -15.20 -12.42
N THR B 43 21.89 -14.37 -11.85
CA THR B 43 21.76 -12.98 -12.30
C THR B 43 23.02 -12.12 -12.01
N SER B 44 23.88 -12.60 -11.14
CA SER B 44 25.13 -11.93 -10.80
C SER B 44 26.31 -12.57 -11.55
N GLY B 45 26.03 -13.68 -12.23
CA GLY B 45 27.04 -14.51 -12.91
C GLY B 45 27.78 -15.48 -11.99
N VAL B 46 28.42 -14.92 -10.97
CA VAL B 46 29.09 -15.62 -9.87
C VAL B 46 28.55 -17.04 -9.55
N PRO B 47 29.46 -18.02 -9.38
CA PRO B 47 29.10 -19.44 -9.09
C PRO B 47 28.47 -19.68 -7.72
N LYS B 48 27.99 -20.89 -7.50
CA LYS B 48 27.12 -21.19 -6.34
C LYS B 48 27.90 -21.35 -5.02
N GLY B 49 29.06 -22.00 -5.09
CA GLY B 49 29.93 -22.10 -3.94
C GLY B 49 30.31 -20.73 -3.38
N SER B 50 30.39 -19.73 -4.25
CA SER B 50 30.93 -18.43 -3.85
C SER B 50 29.97 -17.57 -3.05
N PHE B 51 28.69 -17.96 -2.90
CA PHE B 51 27.74 -17.13 -2.14
C PHE B 51 28.12 -17.07 -0.69
N TYR B 52 28.45 -18.24 -0.17
CA TYR B 52 28.76 -18.35 1.22
C TYR B 52 30.15 -17.85 1.56
N HIS B 53 30.94 -17.41 0.57
CA HIS B 53 32.17 -16.67 0.86
C HIS B 53 31.83 -15.24 1.31
N TYR B 54 30.96 -14.60 0.57
CA TYR B 54 30.65 -13.20 0.81
C TYR B 54 29.62 -13.00 1.94
N PHE B 55 28.75 -13.99 2.15
CA PHE B 55 27.56 -13.83 2.97
C PHE B 55 27.22 -15.07 3.75
N GLU B 56 26.86 -14.90 5.03
CA GLU B 56 26.57 -16.04 5.87
C GLU B 56 25.29 -16.80 5.50
N SER B 57 24.34 -16.15 4.84
CA SER B 57 23.04 -16.79 4.53
C SER B 57 22.14 -15.87 3.70
N LYS B 58 21.04 -16.39 3.18
CA LYS B 58 20.05 -15.54 2.57
C LYS B 58 19.64 -14.42 3.54
N GLU B 59 19.46 -14.74 4.81
CA GLU B 59 18.97 -13.76 5.76
C GLU B 59 19.97 -12.63 6.13
N ALA B 60 21.25 -12.97 6.26
CA ALA B 60 22.29 -11.94 6.47
C ALA B 60 22.43 -11.07 5.22
N PHE B 61 22.16 -11.65 4.05
CA PHE B 61 22.19 -10.94 2.77
C PHE B 61 21.06 -9.88 2.69
N GLY B 62 19.85 -10.33 3.02
CA GLY B 62 18.67 -9.47 3.17
C GLY B 62 18.92 -8.35 4.15
N CYS B 63 19.38 -8.68 5.36
CA CYS B 63 19.72 -7.65 6.33
C CYS B 63 20.67 -6.62 5.72
N GLU B 64 21.70 -7.08 5.02
CA GLU B 64 22.67 -6.19 4.42
C GLU B 64 22.13 -5.34 3.25
N LEU B 65 21.26 -5.88 2.39
CA LEU B 65 20.61 -5.07 1.35
C LEU B 65 19.87 -3.92 2.00
N LEU B 66 19.03 -4.23 3.00
CA LEU B 66 18.19 -3.24 3.60
C LEU B 66 19.00 -2.19 4.32
N LYS B 67 20.03 -2.57 5.06
CA LYS B 67 20.83 -1.54 5.68
C LYS B 67 21.43 -0.64 4.57
N HIS B 68 21.91 -1.24 3.50
CA HIS B 68 22.48 -0.47 2.41
C HIS B 68 21.42 0.41 1.74
N TYR B 69 20.24 -0.14 1.45
CA TYR B 69 19.15 0.66 0.95
C TYR B 69 18.84 1.82 1.89
N ILE B 70 18.86 1.54 3.19
CA ILE B 70 18.53 2.59 4.15
C ILE B 70 19.61 3.64 4.20
N SER B 71 20.86 3.22 4.19
CA SER B 71 21.97 4.16 4.26
C SER B 71 22.03 5.04 3.01
N ASP B 72 21.91 4.43 1.85
CA ASP B 72 21.87 5.19 0.63
C ASP B 72 20.71 6.17 0.65
N TYR B 73 19.56 5.75 1.17
CA TYR B 73 18.42 6.65 1.28
C TYR B 73 18.78 7.85 2.15
N GLN B 74 19.40 7.65 3.30
CA GLN B 74 19.68 8.83 4.12
C GLN B 74 20.70 9.74 3.42
N ILE B 75 21.54 9.19 2.54
CA ILE B 75 22.51 10.02 1.80
C ILE B 75 21.73 10.90 0.81
N ARG B 76 20.79 10.32 0.05
CA ARG B 76 20.01 11.11 -0.91
C ARG B 76 19.30 12.22 -0.14
N LEU B 77 18.73 11.86 1.00
CA LEU B 77 18.01 12.86 1.80
C LEU B 77 18.91 14.08 2.11
N ASN B 78 20.14 13.82 2.55
CA ASN B 78 21.06 14.87 2.94
C ASN B 78 21.46 15.72 1.78
N GLN B 79 21.67 15.09 0.63
CA GLN B 79 21.91 15.85 -0.60
C GLN B 79 20.76 16.82 -0.79
N LEU B 80 19.57 16.32 -0.59
CA LEU B 80 18.35 17.00 -0.95
C LEU B 80 17.95 18.09 0.04
N TRP B 81 18.34 17.95 1.30
CA TRP B 81 17.93 18.92 2.32
C TRP B 81 19.07 19.72 3.04
N THR B 82 20.35 19.47 2.73
CA THR B 82 21.40 20.41 3.16
C THR B 82 21.59 21.39 2.00
N THR B 83 20.77 22.43 2.00
CA THR B 83 20.58 23.31 0.85
C THR B 83 20.09 24.69 1.29
N GLU B 84 20.26 25.67 0.41
CA GLU B 84 20.04 27.07 0.74
C GLU B 84 18.56 27.50 0.80
N THR B 85 17.63 26.59 0.49
CA THR B 85 16.22 26.96 0.35
C THR B 85 15.45 26.76 1.65
N SER B 86 14.15 27.03 1.62
CA SER B 86 13.29 26.99 2.79
C SER B 86 12.68 25.61 3.04
N ALA B 87 12.48 25.28 4.30
CA ALA B 87 11.89 24.01 4.65
C ALA B 87 10.82 23.54 3.64
N ARG B 88 9.93 24.43 3.19
CA ARG B 88 8.79 24.02 2.38
C ARG B 88 9.29 23.43 1.06
N ASP B 89 10.17 24.18 0.42
CA ASP B 89 10.84 23.75 -0.81
C ASP B 89 11.61 22.44 -0.66
N LYS B 90 12.26 22.25 0.47
CA LYS B 90 12.98 21.01 0.67
C LYS B 90 12.01 19.88 0.64
N LEU B 91 10.98 20.00 1.47
CA LEU B 91 9.91 19.02 1.52
C LEU B 91 9.28 18.79 0.17
N ASN B 93 10.57 19.37 -2.73
CA ASN B 93 11.59 18.72 -3.52
C ASN B 93 11.59 17.22 -3.35
N TYR B 94 11.52 16.80 -2.09
CA TYR B 94 11.56 15.41 -1.76
C TYR B 94 10.34 14.68 -2.34
N LEU B 95 9.17 15.26 -2.12
CA LEU B 95 7.91 14.66 -2.55
C LEU B 95 7.84 14.56 -4.06
N GLN B 96 8.28 15.60 -4.72
CA GLN B 96 8.36 15.58 -6.19
C GLN B 96 9.19 14.40 -6.72
N CYS B 97 10.29 14.06 -6.04
CA CYS B 97 11.12 12.92 -6.43
C CYS B 97 10.35 11.57 -6.44
N TRP B 98 9.21 11.47 -5.74
CA TRP B 98 8.27 10.30 -5.85
C TRP B 98 7.56 10.16 -7.19
N VAL B 99 7.62 11.22 -7.98
CA VAL B 99 6.88 11.27 -9.21
C VAL B 99 7.79 10.99 -10.41
N LYS B 100 9.09 11.16 -10.25
CA LYS B 100 10.09 10.69 -11.22
C LYS B 100 11.46 11.25 -10.87
N SER B 111 9.94 3.94 -3.53
CA SER B 111 9.33 2.90 -2.68
C SER B 111 8.04 2.28 -3.25
N CYS B 112 8.25 1.35 -4.18
CA CYS B 112 7.37 0.23 -4.41
C CYS B 112 7.89 -0.94 -3.55
N LEU B 113 9.02 -0.71 -2.87
CA LEU B 113 9.54 -1.65 -1.91
C LEU B 113 8.70 -1.73 -0.64
N ILE B 114 8.30 -0.58 -0.06
CA ILE B 114 7.46 -0.63 1.16
C ILE B 114 6.22 -1.51 0.85
N VAL B 115 5.65 -1.38 -0.34
CA VAL B 115 4.52 -2.22 -0.76
C VAL B 115 4.85 -3.70 -0.75
N LYS B 116 5.93 -4.06 -1.45
CA LYS B 116 6.34 -5.46 -1.54
C LYS B 116 6.72 -6.02 -0.18
N ALA B 118 5.61 -4.73 2.81
CA ALA B 118 4.32 -4.80 3.51
C ALA B 118 3.51 -6.02 2.99
N ALA B 119 3.54 -6.26 1.69
CA ALA B 119 2.87 -7.44 1.11
C ALA B 119 3.40 -8.80 1.58
N GLU B 120 4.58 -8.85 2.18
CA GLU B 120 5.21 -10.12 2.58
C GLU B 120 5.51 -10.21 4.07
N VAL B 121 5.03 -9.26 4.85
CA VAL B 121 5.44 -9.05 6.26
C VAL B 121 5.41 -10.31 7.15
N ALA B 122 4.49 -11.21 6.85
CA ALA B 122 4.31 -12.42 7.63
C ALA B 122 5.57 -13.23 7.53
N ASP B 123 6.24 -13.12 6.39
CA ASP B 123 7.35 -14.02 6.08
C ASP B 123 8.69 -13.32 6.30
N LEU B 124 8.68 -12.00 6.40
CA LEU B 124 9.87 -11.29 6.85
C LEU B 124 10.31 -11.76 8.25
N SER B 125 11.61 -11.90 8.47
CA SER B 125 12.12 -12.09 9.82
C SER B 125 11.89 -10.82 10.63
N GLU B 126 11.83 -10.97 11.93
CA GLU B 126 11.77 -9.85 12.84
C GLU B 126 12.88 -8.83 12.72
N ASP B 127 14.12 -9.31 12.61
CA ASP B 127 15.27 -8.44 12.46
C ASP B 127 15.08 -7.56 11.24
N ARG B 129 12.13 -6.94 9.46
CA ARG B 129 10.97 -6.10 9.70
C ARG B 129 11.25 -4.93 10.66
N LEU B 130 12.09 -5.13 11.66
CA LEU B 130 12.41 -4.03 12.63
C LEU B 130 13.30 -2.93 12.03
N ILE B 131 14.29 -3.35 11.26
CA ILE B 131 15.09 -2.43 10.46
C ILE B 131 14.16 -1.53 9.66
N ASN B 133 11.10 -0.95 9.91
CA ASN B 133 10.19 -0.18 10.71
C ASN B 133 10.91 1.09 11.28
N ASP B 134 12.17 0.92 11.70
CA ASP B 134 13.01 2.00 12.28
C ASP B 134 13.33 3.01 11.21
N GLY B 135 13.62 2.50 10.04
CA GLY B 135 13.84 3.36 8.87
C GLY B 135 12.70 4.31 8.55
N VAL B 136 11.49 3.75 8.44
CA VAL B 136 10.30 4.54 8.16
C VAL B 136 10.09 5.62 9.24
N LYS B 137 10.25 5.26 10.50
CA LYS B 137 10.03 6.18 11.59
C LYS B 137 11.04 7.32 11.61
N ARG B 138 12.31 7.01 11.37
CA ARG B 138 13.32 8.08 11.17
C ARG B 138 12.92 9.01 10.00
N LEU B 139 12.40 8.40 8.91
CA LEU B 139 11.94 9.20 7.79
C LEU B 139 10.81 10.16 8.17
N ILE B 140 9.80 9.66 8.90
CA ILE B 140 8.62 10.48 9.25
C ILE B 140 9.09 11.59 10.19
N ALA B 141 9.93 11.20 11.13
CA ALA B 141 10.54 12.09 12.14
C ALA B 141 11.26 13.25 11.50
N ARG B 142 12.07 12.96 10.47
CA ARG B 142 12.78 14.03 9.74
C ARG B 142 11.88 14.92 8.88
N ALA B 144 8.90 15.61 9.84
CA ALA B 144 8.31 16.48 10.91
C ALA B 144 9.22 17.63 11.36
N ASP B 145 10.51 17.34 11.53
CA ASP B 145 11.47 18.33 11.96
C ASP B 145 11.48 19.45 10.92
N LEU B 146 11.29 19.07 9.68
CA LEU B 146 11.32 20.02 8.59
C LEU B 146 9.98 20.77 8.56
N ILE B 147 8.88 20.13 8.94
CA ILE B 147 7.66 20.90 9.01
C ILE B 147 7.75 21.97 10.08
N ARG B 148 8.43 21.66 11.18
CA ARG B 148 8.54 22.52 12.36
C ARG B 148 9.39 23.77 12.08
N ILE B 149 10.61 23.53 11.61
CA ILE B 149 11.47 24.55 11.03
C ILE B 149 10.69 25.38 10.03
N GLY B 150 9.91 24.72 9.19
CA GLY B 150 9.10 25.40 8.19
C GLY B 150 8.16 26.41 8.82
N GLN B 151 7.28 25.91 9.69
CA GLN B 151 6.35 26.75 10.49
C GLN B 151 7.06 27.86 11.27
N GLN B 152 8.23 27.53 11.83
CA GLN B 152 9.09 28.52 12.50
C GLN B 152 9.51 29.69 11.58
N GLU B 153 10.15 29.38 10.44
CA GLU B 153 10.54 30.38 9.42
C GLU B 153 9.34 31.16 8.89
N GLY B 154 8.19 30.50 8.85
CA GLY B 154 6.98 31.06 8.28
C GLY B 154 6.69 30.60 6.85
N SER B 155 7.51 29.71 6.28
CA SER B 155 7.21 29.16 4.92
C SER B 155 6.11 28.10 4.91
N ILE B 156 5.88 27.41 6.00
CA ILE B 156 4.74 26.51 6.07
C ILE B 156 3.73 27.13 7.02
N GLN B 157 2.57 27.50 6.49
CA GLN B 157 1.63 28.38 7.21
C GLN B 157 0.44 27.64 7.82
N THR B 158 0.53 26.31 7.93
CA THR B 158 -0.49 25.57 8.65
C THR B 158 -0.12 25.56 10.12
N SER B 159 -1.14 25.38 10.97
CA SER B 159 -0.98 25.31 12.40
C SER B 159 -0.89 23.87 12.89
N VAL B 160 -1.36 22.89 12.11
CA VAL B 160 -1.30 21.46 12.50
C VAL B 160 0.06 20.96 12.98
N VAL B 161 0.07 20.16 14.04
CA VAL B 161 1.32 19.74 14.66
C VAL B 161 2.17 18.92 13.68
N PRO B 162 3.46 19.23 13.62
CA PRO B 162 4.38 18.53 12.77
C PRO B 162 4.25 17.04 12.81
N ASP B 163 4.29 16.40 13.97
CA ASP B 163 4.34 14.95 13.97
C ASP B 163 3.11 14.34 13.33
N VAL B 164 2.02 15.13 13.36
CA VAL B 164 0.76 14.73 12.75
C VAL B 164 0.82 14.98 11.28
N LEU B 165 1.22 16.17 10.86
CA LEU B 165 1.24 16.45 9.43
C LEU B 165 2.21 15.51 8.67
N ALA B 166 3.44 15.38 9.18
CA ALA B 166 4.37 14.41 8.62
C ALA B 166 3.71 13.08 8.26
N GLN B 167 2.93 12.57 9.18
CA GLN B 167 2.28 11.25 9.03
C GLN B 167 1.21 11.30 7.97
N VAL B 168 0.31 12.27 8.05
CA VAL B 168 -0.66 12.42 6.99
C VAL B 168 0.02 12.51 5.60
N ILE B 169 1.04 13.37 5.47
CA ILE B 169 1.67 13.48 4.17
C ILE B 169 2.22 12.14 3.79
N TYR B 170 2.86 11.44 4.75
CA TYR B 170 3.57 10.23 4.31
C TYR B 170 2.58 9.13 3.95
N GLN B 171 1.54 8.96 4.74
CA GLN B 171 0.56 7.99 4.44
C GLN B 171 -0.10 8.29 3.11
N TYR B 173 1.09 9.73 0.52
CA TYR B 173 1.97 9.40 -0.61
C TYR B 173 2.07 7.91 -0.82
N LEU B 174 2.17 7.12 0.24
CA LEU B 174 2.19 5.62 0.09
C LEU B 174 0.94 5.15 -0.53
N GLY B 175 -0.17 5.73 -0.17
CA GLY B 175 -1.43 5.33 -0.83
C GLY B 175 -1.55 5.74 -2.29
N ALA B 176 -1.22 7.02 -2.58
CA ALA B 176 -1.08 7.50 -3.98
C ALA B 176 -0.10 6.57 -4.78
N ALA B 177 1.02 6.16 -4.16
CA ALA B 177 1.94 5.32 -4.92
C ALA B 177 1.34 3.92 -5.16
N LEU B 178 0.55 3.44 -4.24
CA LEU B 178 -0.04 2.11 -4.43
C LEU B 178 -1.01 2.21 -5.56
N LEU B 179 -1.84 3.22 -5.54
CA LEU B 179 -2.85 3.37 -6.60
C LEU B 179 -2.19 3.69 -7.93
N SER B 180 -1.09 4.47 -7.95
CA SER B 180 -0.34 4.65 -9.25
C SER B 180 0.17 3.35 -9.83
N LYS B 181 0.71 2.49 -9.02
CA LYS B 181 1.17 1.19 -9.49
C LYS B 181 0.04 0.43 -10.12
N LEU B 182 -1.07 0.45 -9.45
CA LEU B 182 -2.23 -0.39 -9.82
C LEU B 182 -2.85 0.07 -11.11
N TYR B 183 -3.01 1.38 -11.21
CA TYR B 183 -3.61 2.08 -12.32
C TYR B 183 -2.70 2.11 -13.56
N LYS B 184 -1.41 1.82 -13.36
CA LYS B 184 -0.36 2.00 -14.40
C LYS B 184 -0.21 3.49 -14.87
N HIS B 185 -0.67 4.45 -14.07
CA HIS B 185 -0.20 5.85 -14.24
C HIS B 185 -0.15 6.64 -12.95
N LYS B 186 0.38 7.85 -13.00
CA LYS B 186 0.66 8.62 -11.80
C LYS B 186 -0.35 9.67 -11.38
N ALA B 187 -1.55 9.66 -11.96
CA ALA B 187 -2.56 10.67 -11.54
C ALA B 187 -2.77 10.73 -9.97
N PRO B 188 -2.75 9.57 -9.30
CA PRO B 188 -2.83 9.70 -7.80
C PRO B 188 -1.73 10.52 -7.16
N LEU B 189 -0.50 10.29 -7.59
CA LEU B 189 0.60 11.03 -7.04
C LEU B 189 0.57 12.49 -7.49
N PHE B 190 0.06 12.80 -8.69
CA PHE B 190 -0.03 14.19 -9.09
C PHE B 190 -1.10 14.80 -8.25
N GLN B 191 -2.20 14.09 -8.03
CA GLN B 191 -3.15 14.71 -7.04
C GLN B 191 -2.48 14.87 -5.65
N ALA B 192 -1.69 13.89 -5.24
CA ALA B 192 -1.10 14.07 -3.91
C ALA B 192 -0.20 15.30 -3.85
N LEU B 193 0.54 15.69 -4.92
CA LEU B 193 1.36 16.93 -4.82
C LEU B 193 0.49 18.15 -4.74
N GLU B 194 -0.63 18.16 -5.50
CA GLU B 194 -1.55 19.30 -5.42
C GLU B 194 -2.09 19.40 -4.01
N SER B 195 -2.53 18.30 -3.43
CA SER B 195 -3.14 18.37 -2.10
C SER B 195 -2.12 18.81 -1.07
N THR B 196 -0.84 18.50 -1.26
CA THR B 196 0.16 18.90 -0.28
C THR B 196 0.29 20.42 -0.22
N LYS B 197 0.32 21.04 -1.37
CA LYS B 197 0.34 22.50 -1.45
C LYS B 197 -0.80 23.12 -0.58
N LEU B 200 0.06 22.44 3.36
CA LEU B 200 1.12 23.27 3.89
C LEU B 200 0.60 24.67 4.15
N ASP B 201 -0.53 25.03 3.56
CA ASP B 201 -1.28 26.27 3.97
C ASP B 201 -2.42 25.98 4.96
#